data_4JC5
#
_entry.id   4JC5
#
_cell.length_a   108.540
_cell.length_b   108.540
_cell.length_c   100.830
_cell.angle_alpha   90.00
_cell.angle_beta   90.00
_cell.angle_gamma   120.00
#
_symmetry.space_group_name_H-M   'H 3'
#
loop_
_entity.id
_entity.type
_entity.pdbx_description
1 polymer 'Transmembrane protein 173'
2 non-polymer '(9-oxoacridin-10(9H)-yl)acetic acid'
3 water water
#
_entity_poly.entity_id   1
_entity_poly.type   'polypeptide(L)'
_entity_poly.pdbx_seq_one_letter_code
;EKKLNVAHGLAWSYYIGYLRLILPGLQARIRMFNQLHNNMLSGAGSRRLYILFPLDCGVPDNLSVVDPNIRFRDMLPQQN
IDRAGIKNRVYSNSVYEILENGQPAGVCILEYATPLQTLFAMSQDAKAGFSREDRLEQAKLFCRTLEEILEDVPESRNNC
RLIVYQEPTDGNSFSLSQEVLRHIRQEEKEEVTMNAPMTS
;
_entity_poly.pdbx_strand_id   A,B
#
# COMPACT_ATOMS: atom_id res chain seq x y z
N LYS A 3 0.48 20.95 -11.46
CA LYS A 3 0.23 20.22 -12.70
C LYS A 3 0.58 18.75 -12.53
N LEU A 4 0.83 18.34 -11.30
CA LEU A 4 1.05 16.94 -10.99
C LEU A 4 -0.25 16.19 -11.14
N ASN A 5 -0.17 14.95 -11.62
CA ASN A 5 -1.37 14.16 -11.90
C ASN A 5 -1.37 12.82 -11.18
N VAL A 6 -2.40 12.01 -11.45
CA VAL A 6 -2.58 10.75 -10.75
C VAL A 6 -1.36 9.83 -10.74
N ALA A 7 -0.69 9.68 -11.89
CA ALA A 7 0.49 8.82 -11.98
C ALA A 7 1.56 9.20 -10.98
N HIS A 8 1.78 10.50 -10.81
CA HIS A 8 2.82 10.97 -9.91
C HIS A 8 2.57 10.50 -8.47
N GLY A 9 1.34 10.62 -8.01
CA GLY A 9 0.98 10.19 -6.67
C GLY A 9 1.08 8.69 -6.49
N LEU A 10 0.81 7.95 -7.56
CA LEU A 10 0.91 6.51 -7.52
C LEU A 10 2.34 6.05 -7.39
N ALA A 11 3.23 6.62 -8.18
CA ALA A 11 4.65 6.30 -8.12
C ALA A 11 5.23 6.55 -6.73
N TRP A 12 5.04 7.77 -6.22
CA TRP A 12 5.54 8.12 -4.89
C TRP A 12 4.99 7.26 -3.80
N SER A 13 3.68 7.10 -3.82
CA SER A 13 2.99 6.35 -2.78
C SER A 13 3.48 4.91 -2.75
N TYR A 14 3.65 4.31 -3.93
CA TYR A 14 4.10 2.94 -4.03
C TYR A 14 5.52 2.80 -3.49
N TYR A 15 6.34 3.82 -3.73
CA TYR A 15 7.71 3.78 -3.23
C TYR A 15 7.76 3.93 -1.72
N ILE A 16 7.15 5.00 -1.24
CA ILE A 16 7.12 5.29 0.18
C ILE A 16 6.27 4.24 0.89
N GLY A 17 5.21 3.79 0.22
CA GLY A 17 4.21 2.95 0.83
C GLY A 17 4.47 1.46 0.74
N TYR A 18 5.34 1.05 -0.18
CA TYR A 18 5.69 -0.37 -0.29
C TYR A 18 7.19 -0.65 -0.43
N LEU A 19 7.81 -0.09 -1.48
CA LEU A 19 9.21 -0.35 -1.76
C LEU A 19 10.10 0.03 -0.58
N ARG A 20 9.77 1.15 0.05
CA ARG A 20 10.52 1.64 1.20
C ARG A 20 10.52 0.63 2.33
N LEU A 21 9.41 -0.09 2.48
CA LEU A 21 9.27 -1.02 3.58
C LEU A 21 9.89 -2.35 3.22
N ILE A 22 9.96 -2.65 1.94
CA ILE A 22 10.29 -4.00 1.49
C ILE A 22 11.76 -4.19 1.10
N LEU A 23 12.38 -3.14 0.57
CA LEU A 23 13.74 -3.24 0.07
C LEU A 23 14.90 -3.36 1.09
N PRO A 24 14.85 -2.62 2.21
CA PRO A 24 15.99 -2.65 3.12
C PRO A 24 16.25 -4.03 3.73
N GLY A 25 15.21 -4.81 3.94
CA GLY A 25 15.37 -6.11 4.55
C GLY A 25 15.60 -7.19 3.52
N LEU A 26 15.68 -6.80 2.25
CA LEU A 26 15.69 -7.75 1.14
C LEU A 26 16.89 -8.69 1.15
N GLN A 27 18.10 -8.14 1.23
CA GLN A 27 19.31 -8.97 1.15
C GLN A 27 19.41 -9.98 2.29
N ALA A 28 18.99 -9.56 3.49
CA ALA A 28 19.00 -10.46 4.63
C ALA A 28 18.02 -11.59 4.38
N ARG A 29 16.84 -11.23 3.92
CA ARG A 29 15.82 -12.20 3.59
C ARG A 29 16.32 -13.22 2.57
N ILE A 30 17.12 -12.74 1.61
CA ILE A 30 17.66 -13.59 0.56
C ILE A 30 18.77 -14.47 1.11
N ARG A 31 19.63 -13.87 1.92
CA ARG A 31 20.70 -14.59 2.59
C ARG A 31 20.16 -15.85 3.28
N MET A 32 19.17 -15.66 4.13
CA MET A 32 18.54 -16.75 4.86
C MET A 32 17.98 -17.81 3.91
N PHE A 33 17.35 -17.36 2.84
CA PHE A 33 16.77 -18.25 1.84
C PHE A 33 17.83 -19.17 1.23
N ASN A 34 18.96 -18.58 0.84
CA ASN A 34 20.01 -19.32 0.15
C ASN A 34 20.62 -20.46 0.97
N GLN A 35 20.88 -20.19 2.24
CA GLN A 35 21.37 -21.21 3.15
C GLN A 35 20.29 -22.28 3.30
N LEU A 36 19.05 -21.82 3.41
CA LEU A 36 17.89 -22.69 3.55
C LEU A 36 17.60 -23.51 2.30
N HIS A 37 17.93 -22.98 1.13
CA HIS A 37 17.51 -23.61 -0.13
C HIS A 37 18.63 -23.92 -1.12
N ASN A 38 19.84 -24.10 -0.59
CA ASN A 38 20.99 -24.49 -1.38
C ASN A 38 21.27 -23.49 -2.49
N ASN A 39 21.15 -22.21 -2.13
CA ASN A 39 21.68 -21.12 -2.94
C ASN A 39 21.05 -20.97 -4.32
N MET A 40 19.73 -21.00 -4.38
CA MET A 40 19.05 -20.69 -5.64
C MET A 40 19.42 -19.27 -6.06
N LEU A 41 19.12 -18.31 -5.21
CA LEU A 41 19.39 -16.90 -5.49
C LEU A 41 20.90 -16.67 -5.54
N SER A 42 21.48 -17.12 -6.66
CA SER A 42 22.91 -17.31 -6.83
C SER A 42 23.78 -16.05 -6.98
N GLY A 43 23.41 -15.18 -7.92
CA GLY A 43 24.16 -13.95 -8.13
C GLY A 43 23.27 -12.76 -8.44
N ALA A 44 23.89 -11.65 -8.85
CA ALA A 44 23.16 -10.47 -9.31
C ALA A 44 22.19 -10.86 -10.41
N GLY A 45 20.95 -10.38 -10.32
CA GLY A 45 19.92 -10.83 -11.24
C GLY A 45 19.01 -11.80 -10.51
N SER A 46 19.51 -12.31 -9.40
CA SER A 46 18.71 -13.10 -8.49
C SER A 46 18.53 -12.31 -7.20
N ARG A 47 19.43 -11.37 -6.97
CA ARG A 47 19.39 -10.56 -5.76
C ARG A 47 18.28 -9.52 -5.77
N ARG A 48 17.92 -9.04 -6.96
CA ARG A 48 16.96 -7.94 -7.06
C ARG A 48 15.51 -8.40 -6.91
N LEU A 49 14.66 -7.46 -6.51
CA LEU A 49 13.22 -7.63 -6.50
C LEU A 49 12.68 -7.08 -7.81
N TYR A 50 12.14 -7.97 -8.65
CA TYR A 50 11.65 -7.57 -9.95
C TYR A 50 10.18 -7.28 -9.97
N ILE A 51 9.84 -6.09 -10.45
CA ILE A 51 8.46 -5.65 -10.53
C ILE A 51 7.97 -5.60 -11.97
N LEU A 52 6.93 -6.40 -12.23
CA LEU A 52 6.34 -6.50 -13.55
C LEU A 52 5.35 -5.38 -13.77
N PHE A 53 5.49 -4.70 -14.90
CA PHE A 53 4.53 -3.67 -15.27
C PHE A 53 4.12 -3.84 -16.71
N PRO A 54 3.08 -4.64 -16.95
CA PRO A 54 2.56 -4.79 -18.31
C PRO A 54 1.79 -3.54 -18.75
N LEU A 55 2.16 -2.98 -19.90
CA LEU A 55 1.30 -1.99 -20.55
C LEU A 55 0.31 -2.83 -21.36
N ASP A 56 -0.89 -3.02 -20.82
CA ASP A 56 -1.83 -3.97 -21.41
C ASP A 56 -3.18 -3.32 -21.59
N CYS A 57 -3.87 -3.72 -22.66
CA CYS A 57 -5.23 -3.29 -22.87
C CYS A 57 -6.04 -3.92 -21.76
N GLY A 58 -5.69 -5.15 -21.41
CA GLY A 58 -6.42 -5.87 -20.39
C GLY A 58 -5.70 -6.00 -19.08
N VAL A 59 -6.29 -6.81 -18.19
CA VAL A 59 -5.70 -7.15 -16.90
C VAL A 59 -4.72 -8.30 -17.08
N PRO A 60 -3.54 -8.19 -16.47
CA PRO A 60 -2.54 -9.24 -16.62
C PRO A 60 -2.95 -10.53 -15.92
N ASP A 61 -2.38 -11.66 -16.36
CA ASP A 61 -2.61 -12.95 -15.71
C ASP A 61 -1.81 -13.07 -14.42
N ASN A 62 -2.30 -13.90 -13.49
CA ASN A 62 -1.52 -14.30 -12.33
C ASN A 62 -0.15 -14.81 -12.74
N LEU A 63 0.83 -14.64 -11.88
CA LEU A 63 2.16 -15.19 -12.09
C LEU A 63 2.11 -16.71 -12.20
N SER A 64 1.10 -17.29 -11.54
CA SER A 64 0.91 -18.74 -11.55
C SER A 64 0.52 -19.27 -12.92
N VAL A 65 -0.14 -18.45 -13.73
CA VAL A 65 -0.72 -18.96 -14.95
C VAL A 65 -0.11 -18.36 -16.21
N VAL A 66 0.45 -17.16 -16.09
CA VAL A 66 0.82 -16.34 -17.25
C VAL A 66 1.76 -17.01 -18.26
N ASP A 67 2.66 -17.86 -17.78
CA ASP A 67 3.63 -18.50 -18.65
C ASP A 67 3.96 -19.85 -18.03
N PRO A 68 3.94 -20.93 -18.83
CA PRO A 68 4.40 -22.22 -18.33
C PRO A 68 5.86 -22.17 -17.91
N ASN A 69 6.64 -21.27 -18.52
CA ASN A 69 8.06 -21.16 -18.21
C ASN A 69 8.33 -20.36 -16.94
N ILE A 70 7.28 -19.80 -16.35
CA ILE A 70 7.38 -19.16 -15.04
C ILE A 70 6.76 -20.03 -13.95
N ARG A 71 7.61 -20.57 -13.09
CA ARG A 71 7.19 -21.58 -12.13
C ARG A 71 7.49 -21.17 -10.69
N PHE A 72 6.43 -21.09 -9.88
CA PHE A 72 6.61 -20.75 -8.47
C PHE A 72 7.43 -21.80 -7.74
N ARG A 73 8.47 -21.36 -7.04
CA ARG A 73 9.37 -22.27 -6.36
C ARG A 73 9.18 -22.17 -4.86
N ASP A 74 9.40 -20.98 -4.31
CA ASP A 74 9.31 -20.81 -2.87
C ASP A 74 9.01 -19.39 -2.41
N MET A 75 8.33 -19.30 -1.28
CA MET A 75 8.17 -18.03 -0.59
C MET A 75 9.53 -17.66 -0.05
N LEU A 76 9.88 -16.38 -0.16
CA LEU A 76 11.06 -15.88 0.52
C LEU A 76 10.68 -15.91 2.00
N PRO A 77 11.66 -15.83 2.91
CA PRO A 77 11.30 -15.69 4.32
C PRO A 77 10.37 -14.51 4.48
N GLN A 78 9.48 -14.53 5.47
CA GLN A 78 8.58 -13.41 5.62
C GLN A 78 9.35 -12.19 6.09
N GLN A 79 8.81 -11.01 5.85
CA GLN A 79 9.41 -9.79 6.37
C GLN A 79 8.46 -9.16 7.37
N ASN A 80 9.00 -8.87 8.56
CA ASN A 80 8.21 -8.23 9.61
C ASN A 80 8.37 -6.71 9.60
N ILE A 81 7.24 -6.01 9.64
CA ILE A 81 7.26 -4.55 9.61
C ILE A 81 6.59 -3.90 10.83
N ASP A 82 7.36 -3.21 11.67
CA ASP A 82 6.78 -2.36 12.71
C ASP A 82 7.37 -0.93 12.65
N ARG A 83 7.11 -0.30 11.51
CA ARG A 83 7.66 1.02 11.18
C ARG A 83 6.60 2.05 10.81
N ALA A 84 6.79 3.28 11.30
CA ALA A 84 5.96 4.42 10.95
C ALA A 84 4.48 4.15 11.15
N GLY A 85 3.69 4.40 10.12
CA GLY A 85 2.27 4.17 10.15
C GLY A 85 1.94 2.70 10.30
N ILE A 86 2.82 1.86 9.78
CA ILE A 86 2.61 0.41 9.81
C ILE A 86 2.98 -0.20 11.18
N LYS A 87 2.00 -0.81 11.83
CA LYS A 87 2.24 -1.45 13.13
C LYS A 87 2.10 -2.96 12.97
N ASN A 88 3.19 -3.70 13.21
CA ASN A 88 3.21 -5.15 13.11
C ASN A 88 2.48 -5.73 11.89
N ARG A 89 3.03 -5.48 10.71
CA ARG A 89 2.50 -6.05 9.48
C ARG A 89 3.51 -7.05 8.92
N VAL A 90 3.05 -8.22 8.48
CA VAL A 90 3.94 -9.21 7.89
C VAL A 90 3.81 -9.24 6.36
N TYR A 91 4.96 -9.17 5.67
CA TYR A 91 5.00 -9.14 4.21
C TYR A 91 5.63 -10.43 3.66
N SER A 92 5.42 -10.71 2.39
CA SER A 92 6.02 -11.89 1.78
C SER A 92 6.40 -11.66 0.33
N ASN A 93 7.33 -12.49 -0.16
CA ASN A 93 7.74 -12.43 -1.57
C ASN A 93 7.97 -13.83 -2.10
N SER A 94 7.72 -14.02 -3.39
CA SER A 94 7.79 -15.35 -3.99
C SER A 94 8.98 -15.51 -4.90
N VAL A 95 9.62 -16.68 -4.83
CA VAL A 95 10.72 -17.00 -5.72
C VAL A 95 10.21 -17.86 -6.85
N TYR A 96 10.56 -17.49 -8.09
CA TYR A 96 10.13 -18.21 -9.26
C TYR A 96 11.30 -18.77 -10.04
N GLU A 97 11.10 -19.97 -10.59
CA GLU A 97 12.06 -20.55 -11.52
C GLU A 97 11.67 -20.15 -12.93
N ILE A 98 12.64 -19.65 -13.69
CA ILE A 98 12.39 -19.26 -15.07
C ILE A 98 13.05 -20.23 -16.04
N LEU A 99 12.25 -20.79 -16.93
CA LEU A 99 12.73 -21.76 -17.89
C LEU A 99 12.98 -21.11 -19.24
N GLU A 100 14.02 -21.59 -19.91
CA GLU A 100 14.27 -21.27 -21.30
C GLU A 100 14.63 -22.59 -21.97
N ASN A 101 13.92 -22.91 -23.03
CA ASN A 101 14.18 -24.14 -23.78
C ASN A 101 14.04 -25.36 -22.89
N GLY A 102 13.11 -25.31 -21.93
CA GLY A 102 12.83 -26.43 -21.05
C GLY A 102 13.90 -26.64 -19.98
N GLN A 103 14.82 -25.69 -19.90
CA GLN A 103 15.93 -25.75 -18.96
C GLN A 103 15.74 -24.65 -17.91
N PRO A 104 16.09 -24.95 -16.65
CA PRO A 104 16.12 -23.86 -15.67
C PRO A 104 17.12 -22.80 -16.14
N ALA A 105 16.65 -21.59 -16.39
CA ALA A 105 17.47 -20.54 -17.01
C ALA A 105 17.73 -19.40 -16.04
N GLY A 106 16.94 -19.34 -15.00
CA GLY A 106 17.06 -18.28 -14.02
C GLY A 106 16.16 -18.53 -12.85
N VAL A 107 16.46 -17.85 -11.75
CA VAL A 107 15.58 -17.88 -10.60
C VAL A 107 15.60 -16.47 -10.05
N CYS A 108 14.47 -16.03 -9.51
CA CYS A 108 14.36 -14.65 -9.07
C CYS A 108 13.08 -14.36 -8.32
N ILE A 109 13.06 -13.17 -7.74
CA ILE A 109 11.91 -12.69 -6.99
C ILE A 109 11.12 -11.76 -7.88
N LEU A 110 9.86 -12.12 -8.11
CA LEU A 110 9.05 -11.50 -9.15
C LEU A 110 7.68 -11.12 -8.60
N GLU A 111 7.16 -9.95 -8.99
CA GLU A 111 5.78 -9.59 -8.68
C GLU A 111 5.28 -8.43 -9.53
N TYR A 112 3.98 -8.40 -9.77
CA TYR A 112 3.37 -7.28 -10.46
C TYR A 112 3.35 -6.05 -9.58
N ALA A 113 3.34 -4.88 -10.22
CA ALA A 113 3.16 -3.63 -9.52
C ALA A 113 1.70 -3.46 -9.14
N THR A 114 1.38 -3.57 -7.85
CA THR A 114 0.01 -3.40 -7.38
C THR A 114 -0.78 -2.15 -7.82
N PRO A 115 -0.12 -1.00 -8.03
CA PRO A 115 -0.91 0.16 -8.45
C PRO A 115 -1.67 -0.02 -9.76
N LEU A 116 -1.32 -1.04 -10.53
CA LEU A 116 -2.06 -1.38 -11.73
C LEU A 116 -3.52 -1.63 -11.46
N GLN A 117 -3.78 -2.40 -10.42
CA GLN A 117 -5.14 -2.68 -9.96
C GLN A 117 -5.91 -1.39 -9.74
N THR A 118 -5.26 -0.44 -9.07
CA THR A 118 -5.89 0.83 -8.76
C THR A 118 -6.13 1.65 -10.02
N LEU A 119 -5.10 1.75 -10.85
CA LEU A 119 -5.13 2.57 -12.06
C LEU A 119 -6.32 2.13 -12.83
N PHE A 120 -6.39 0.81 -12.89
CA PHE A 120 -7.46 0.13 -13.56
C PHE A 120 -8.83 0.54 -13.05
N ALA A 121 -9.01 0.46 -11.73
CA ALA A 121 -10.30 0.77 -11.12
C ALA A 121 -10.71 2.21 -11.43
N MET A 122 -9.73 3.10 -11.46
CA MET A 122 -9.99 4.48 -11.75
C MET A 122 -10.44 4.68 -13.20
N SER A 123 -10.04 3.77 -14.07
CA SER A 123 -10.44 3.88 -15.46
C SER A 123 -11.90 3.47 -15.60
N GLN A 124 -12.30 2.44 -14.86
CA GLN A 124 -13.63 1.88 -14.99
C GLN A 124 -14.72 2.76 -14.37
N ASP A 125 -14.42 3.36 -13.23
CA ASP A 125 -15.36 4.22 -12.51
C ASP A 125 -16.10 5.21 -13.41
N ALA A 126 -17.43 5.25 -13.30
CA ALA A 126 -18.25 6.03 -14.22
C ALA A 126 -18.02 7.53 -14.18
N LYS A 127 -17.78 8.07 -12.98
CA LYS A 127 -17.76 9.51 -12.80
C LYS A 127 -16.54 10.19 -13.43
N ALA A 128 -15.36 9.63 -13.18
CA ALA A 128 -14.12 10.22 -13.66
C ALA A 128 -13.33 9.25 -14.54
N GLY A 129 -14.01 8.19 -14.99
CA GLY A 129 -13.40 7.19 -15.84
C GLY A 129 -12.71 7.76 -17.07
N PHE A 130 -11.59 7.17 -17.41
CA PHE A 130 -10.81 7.65 -18.54
C PHE A 130 -10.35 6.54 -19.49
N SER A 131 -10.35 6.85 -20.80
CA SER A 131 -10.16 5.85 -21.85
C SER A 131 -8.94 4.96 -21.68
N ARG A 132 -8.94 3.83 -22.40
CA ARG A 132 -7.82 2.91 -22.36
C ARG A 132 -6.54 3.65 -22.74
N GLU A 133 -6.68 4.55 -23.71
CA GLU A 133 -5.62 5.44 -24.12
C GLU A 133 -5.16 6.30 -22.95
N ASP A 134 -6.12 6.84 -22.21
CA ASP A 134 -5.81 7.67 -21.06
C ASP A 134 -5.15 6.84 -19.96
N ARG A 135 -5.60 5.61 -19.79
CA ARG A 135 -5.04 4.75 -18.76
C ARG A 135 -3.58 4.45 -19.05
N LEU A 136 -3.31 4.11 -20.30
CA LEU A 136 -1.95 3.80 -20.72
C LEU A 136 -1.06 5.02 -20.55
N GLU A 137 -1.58 6.18 -20.92
CA GLU A 137 -0.90 7.45 -20.73
C GLU A 137 -0.42 7.53 -19.28
N GLN A 138 -1.32 7.25 -18.35
CA GLN A 138 -1.01 7.28 -16.92
C GLN A 138 -0.07 6.17 -16.49
N ALA A 139 -0.19 5.01 -17.11
CA ALA A 139 0.64 3.86 -16.76
C ALA A 139 2.09 4.11 -17.16
N LYS A 140 2.27 4.60 -18.38
CA LYS A 140 3.60 4.94 -18.88
C LYS A 140 4.28 5.91 -17.93
N LEU A 141 3.59 7.00 -17.60
CA LEU A 141 4.15 8.04 -16.75
C LEU A 141 4.52 7.54 -15.35
N PHE A 142 3.64 6.75 -14.74
CA PHE A 142 3.92 6.13 -13.46
C PHE A 142 5.25 5.40 -13.48
N CYS A 143 5.50 4.68 -14.57
CA CYS A 143 6.77 3.96 -14.72
C CYS A 143 7.96 4.92 -14.77
N ARG A 144 7.90 5.90 -15.66
CA ARG A 144 8.96 6.88 -15.77
C ARG A 144 9.18 7.53 -14.41
N THR A 145 8.09 7.85 -13.74
CA THR A 145 8.18 8.58 -12.48
C THR A 145 8.81 7.71 -11.41
N LEU A 146 8.41 6.44 -11.38
CA LEU A 146 8.95 5.51 -10.41
C LEU A 146 10.41 5.22 -10.67
N GLU A 147 10.78 5.10 -11.94
CA GLU A 147 12.17 4.85 -12.28
C GLU A 147 12.99 6.05 -11.84
N GLU A 148 12.50 7.25 -12.17
CA GLU A 148 13.17 8.48 -11.77
C GLU A 148 13.36 8.58 -10.26
N ILE A 149 12.44 8.01 -9.49
CA ILE A 149 12.57 8.00 -8.04
C ILE A 149 13.70 7.07 -7.62
N LEU A 150 13.61 5.81 -8.07
CA LEU A 150 14.59 4.79 -7.70
C LEU A 150 16.04 5.20 -7.94
N GLU A 151 16.31 5.85 -9.07
CA GLU A 151 17.67 6.24 -9.42
C GLU A 151 18.32 7.10 -8.34
N ASP A 152 17.53 7.94 -7.68
CA ASP A 152 18.04 8.88 -6.69
C ASP A 152 18.58 8.16 -5.46
N VAL A 153 18.00 6.98 -5.19
CA VAL A 153 18.27 6.19 -4.00
C VAL A 153 18.85 4.84 -4.40
N PRO A 154 20.20 4.74 -4.46
CA PRO A 154 20.92 3.57 -5.01
C PRO A 154 20.76 2.27 -4.21
N GLU A 155 20.76 2.39 -2.88
CA GLU A 155 20.58 1.23 -1.99
C GLU A 155 19.20 0.59 -2.16
N SER A 156 18.17 1.41 -2.27
CA SER A 156 16.85 0.91 -2.64
C SER A 156 16.94 0.44 -4.09
N ARG A 157 17.60 1.26 -4.91
CA ARG A 157 17.79 0.98 -6.32
C ARG A 157 18.50 -0.34 -6.61
N ASN A 158 19.51 -0.66 -5.82
CA ASN A 158 20.24 -1.92 -6.01
C ASN A 158 19.30 -3.12 -5.98
N ASN A 159 18.40 -3.13 -5.00
CA ASN A 159 17.55 -4.30 -4.77
C ASN A 159 16.35 -4.39 -5.70
N CYS A 160 16.23 -3.47 -6.64
CA CYS A 160 14.97 -3.30 -7.35
C CYS A 160 15.12 -3.02 -8.84
N ARG A 161 14.27 -3.66 -9.65
CA ARG A 161 14.24 -3.43 -11.09
C ARG A 161 12.82 -3.32 -11.60
N LEU A 162 12.58 -2.33 -12.44
CA LEU A 162 11.28 -2.21 -13.10
C LEU A 162 11.30 -2.97 -14.41
N ILE A 163 10.35 -3.89 -14.59
CA ILE A 163 10.19 -4.58 -15.86
C ILE A 163 8.88 -4.19 -16.53
N VAL A 164 8.95 -3.22 -17.44
CA VAL A 164 7.79 -2.75 -18.17
C VAL A 164 7.87 -3.14 -19.64
N TYR A 165 6.78 -3.68 -20.16
CA TYR A 165 6.77 -4.26 -21.49
C TYR A 165 5.37 -4.10 -22.07
N GLN A 166 5.29 -3.97 -23.39
CA GLN A 166 3.98 -4.04 -24.03
C GLN A 166 3.59 -5.50 -24.20
N GLU A 167 2.32 -5.80 -23.95
CA GLU A 167 1.79 -7.10 -24.26
C GLU A 167 0.94 -6.97 -25.51
N PRO A 168 1.28 -7.69 -26.58
CA PRO A 168 0.33 -7.72 -27.69
C PRO A 168 -0.91 -8.49 -27.28
N THR A 169 -2.07 -7.85 -27.45
CA THR A 169 -3.35 -8.48 -27.20
C THR A 169 -3.52 -9.58 -28.24
N ASP A 170 -3.11 -9.25 -29.48
CA ASP A 170 -3.20 -10.18 -30.58
C ASP A 170 -1.83 -10.46 -31.20
N GLY A 171 -1.07 -11.34 -30.56
CA GLY A 171 0.17 -11.86 -31.10
C GLY A 171 0.21 -13.33 -30.77
N ASN A 172 0.87 -14.13 -31.61
CA ASN A 172 0.96 -15.56 -31.34
C ASN A 172 1.73 -15.79 -30.07
N SER A 173 2.83 -15.06 -29.89
CA SER A 173 3.70 -15.25 -28.75
C SER A 173 4.20 -13.97 -28.11
N PHE A 174 3.94 -13.86 -26.81
CA PHE A 174 4.75 -13.04 -25.92
C PHE A 174 5.15 -13.96 -24.80
N SER A 175 6.45 -14.00 -24.47
CA SER A 175 6.88 -14.80 -23.36
C SER A 175 7.26 -13.87 -22.25
N LEU A 176 6.54 -13.96 -21.14
CA LEU A 176 6.90 -13.15 -19.98
C LEU A 176 8.28 -13.62 -19.54
N SER A 177 8.47 -14.93 -19.56
CA SER A 177 9.75 -15.53 -19.19
C SER A 177 10.93 -14.97 -19.97
N GLN A 178 10.76 -14.77 -21.28
CA GLN A 178 11.84 -14.23 -22.10
C GLN A 178 12.19 -12.80 -21.73
N GLU A 179 11.16 -11.99 -21.47
CA GLU A 179 11.34 -10.62 -21.01
C GLU A 179 12.12 -10.57 -19.71
N VAL A 180 11.71 -11.39 -18.76
CA VAL A 180 12.37 -11.45 -17.47
C VAL A 180 13.83 -11.89 -17.61
N LEU A 181 14.05 -13.01 -18.30
CA LEU A 181 15.40 -13.44 -18.63
C LEU A 181 16.18 -12.33 -19.29
N ARG A 182 15.54 -11.65 -20.24
CA ARG A 182 16.14 -10.55 -20.96
C ARG A 182 16.60 -9.46 -20.00
N HIS A 183 15.77 -9.15 -19.01
CA HIS A 183 16.17 -8.17 -18.00
C HIS A 183 17.25 -8.71 -17.07
N ILE A 184 17.11 -9.97 -16.62
CA ILE A 184 18.10 -10.59 -15.73
C ILE A 184 19.47 -10.67 -16.39
N ARG A 185 19.51 -11.05 -17.66
CA ARG A 185 20.76 -11.09 -18.41
C ARG A 185 21.26 -9.71 -18.78
N GLN A 186 20.34 -8.81 -19.13
CA GLN A 186 20.69 -7.43 -19.47
C GLN A 186 21.43 -6.80 -18.31
N GLU A 187 21.20 -7.28 -17.10
CA GLU A 187 21.99 -6.80 -15.98
C GLU A 187 23.34 -7.51 -15.93
N GLU A 188 23.99 -7.58 -17.09
CA GLU A 188 25.42 -7.83 -17.19
C GLU A 188 26.10 -6.74 -16.39
N LYS A 189 25.65 -5.50 -16.63
CA LYS A 189 25.98 -4.31 -15.85
C LYS A 189 25.54 -3.09 -16.65
N LYS B 2 -8.34 14.42 -17.68
CA LYS B 2 -9.04 15.69 -17.46
C LYS B 2 -8.37 16.49 -16.34
N LYS B 3 -9.08 16.70 -15.25
CA LYS B 3 -8.59 17.51 -14.14
C LYS B 3 -8.04 16.70 -12.98
N LEU B 4 -7.91 15.39 -13.16
CA LEU B 4 -7.46 14.53 -12.07
C LEU B 4 -6.02 14.84 -11.65
N ASN B 5 -5.76 14.75 -10.35
CA ASN B 5 -4.40 14.93 -9.83
C ASN B 5 -4.07 14.06 -8.61
N VAL B 6 -2.90 14.29 -8.02
CA VAL B 6 -2.32 13.39 -7.01
C VAL B 6 -3.25 12.94 -5.88
N ALA B 7 -4.21 13.79 -5.52
CA ALA B 7 -5.08 13.48 -4.40
C ALA B 7 -6.01 12.34 -4.79
N HIS B 8 -6.60 12.43 -5.98
CA HIS B 8 -7.49 11.39 -6.47
C HIS B 8 -6.74 10.08 -6.53
N GLY B 9 -5.55 10.13 -7.10
CA GLY B 9 -4.72 8.95 -7.23
C GLY B 9 -4.50 8.31 -5.88
N LEU B 10 -4.17 9.14 -4.90
CA LEU B 10 -3.89 8.65 -3.55
C LEU B 10 -5.14 8.05 -2.90
N ALA B 11 -6.29 8.65 -3.15
CA ALA B 11 -7.52 8.21 -2.50
C ALA B 11 -7.87 6.80 -2.93
N TRP B 12 -7.91 6.59 -4.24
CA TRP B 12 -8.23 5.29 -4.80
C TRP B 12 -7.22 4.23 -4.36
N SER B 13 -5.94 4.57 -4.43
CA SER B 13 -4.89 3.66 -3.99
C SER B 13 -5.07 3.29 -2.53
N TYR B 14 -5.37 4.26 -1.70
CA TYR B 14 -5.51 3.98 -0.28
C TYR B 14 -6.76 3.14 0.00
N TYR B 15 -7.78 3.30 -0.83
CA TYR B 15 -8.94 2.42 -0.72
C TYR B 15 -8.66 1.05 -1.31
N ILE B 16 -8.27 0.99 -2.58
CA ILE B 16 -8.05 -0.28 -3.24
C ILE B 16 -6.90 -1.02 -2.57
N GLY B 17 -5.91 -0.24 -2.11
CA GLY B 17 -4.69 -0.81 -1.58
C GLY B 17 -4.69 -1.15 -0.10
N TYR B 18 -5.58 -0.53 0.67
CA TYR B 18 -5.65 -0.82 2.11
C TYR B 18 -7.08 -1.00 2.65
N LEU B 19 -7.92 0.02 2.47
CA LEU B 19 -9.29 -0.01 2.98
C LEU B 19 -10.09 -1.21 2.49
N ARG B 20 -10.05 -1.45 1.17
CA ARG B 20 -10.76 -2.58 0.58
C ARG B 20 -10.29 -3.90 1.18
N LEU B 21 -9.08 -3.93 1.72
CA LEU B 21 -8.56 -5.19 2.23
C LEU B 21 -8.90 -5.35 3.71
N ILE B 22 -9.07 -4.23 4.40
CA ILE B 22 -9.18 -4.29 5.86
C ILE B 22 -10.62 -4.16 6.36
N LEU B 23 -11.42 -3.33 5.68
CA LEU B 23 -12.82 -3.11 6.03
C LEU B 23 -13.76 -4.33 6.04
N PRO B 24 -13.68 -5.21 5.02
CA PRO B 24 -14.62 -6.33 4.96
C PRO B 24 -14.50 -7.33 6.11
N GLY B 25 -13.28 -7.60 6.54
CA GLY B 25 -13.07 -8.56 7.62
C GLY B 25 -13.24 -7.91 8.98
N LEU B 26 -13.51 -6.61 8.98
CA LEU B 26 -13.50 -5.81 10.20
C LEU B 26 -14.44 -6.29 11.33
N GLN B 27 -15.70 -6.54 11.01
CA GLN B 27 -16.64 -6.89 12.07
C GLN B 27 -16.33 -8.24 12.74
N ALA B 28 -15.96 -9.23 11.93
CA ALA B 28 -15.55 -10.52 12.46
C ALA B 28 -14.37 -10.37 13.41
N ARG B 29 -13.47 -9.46 13.08
CA ARG B 29 -12.31 -9.19 13.92
C ARG B 29 -12.72 -8.61 15.28
N ILE B 30 -13.68 -7.70 15.26
CA ILE B 30 -14.18 -7.07 16.49
C ILE B 30 -14.82 -8.06 17.46
N ARG B 31 -15.60 -8.98 16.91
CA ARG B 31 -16.34 -9.96 17.70
C ARG B 31 -15.39 -10.80 18.56
N MET B 32 -14.30 -11.28 17.94
CA MET B 32 -13.32 -12.09 18.66
C MET B 32 -12.75 -11.30 19.83
N PHE B 33 -12.42 -10.03 19.57
CA PHE B 33 -11.87 -9.15 20.60
C PHE B 33 -12.83 -8.96 21.77
N ASN B 34 -14.10 -8.69 21.47
CA ASN B 34 -15.14 -8.65 22.50
C ASN B 34 -15.17 -9.95 23.30
N GLN B 35 -15.02 -11.07 22.60
CA GLN B 35 -14.92 -12.38 23.22
C GLN B 35 -13.60 -12.47 23.99
N LEU B 36 -12.55 -11.92 23.41
CA LEU B 36 -11.24 -11.90 24.05
C LEU B 36 -11.20 -11.05 25.32
N HIS B 37 -11.90 -9.91 25.31
CA HIS B 37 -11.81 -8.98 26.44
C HIS B 37 -13.14 -8.32 26.83
N ASN B 38 -14.11 -9.15 27.22
CA ASN B 38 -15.36 -8.71 27.82
C ASN B 38 -16.11 -7.58 27.09
N ASN B 39 -16.40 -7.80 25.81
CA ASN B 39 -17.33 -6.94 25.09
C ASN B 39 -16.99 -5.45 25.14
N MET B 40 -15.70 -5.12 25.17
CA MET B 40 -15.24 -3.74 25.32
C MET B 40 -15.76 -2.81 24.23
N LEU B 41 -15.79 -3.28 23.00
CA LEU B 41 -16.30 -2.47 21.91
C LEU B 41 -17.77 -2.80 21.68
N SER B 42 -18.60 -2.36 22.62
CA SER B 42 -20.01 -2.69 22.68
C SER B 42 -20.89 -2.04 21.62
N GLY B 43 -20.59 -0.80 21.27
CA GLY B 43 -21.48 -0.06 20.38
C GLY B 43 -20.88 0.54 19.13
N ALA B 44 -21.76 1.05 18.28
CA ALA B 44 -21.36 1.85 17.13
C ALA B 44 -20.57 3.04 17.65
N GLY B 45 -19.47 3.35 16.99
CA GLY B 45 -18.57 4.37 17.51
C GLY B 45 -17.42 3.69 18.20
N SER B 46 -17.62 2.41 18.49
CA SER B 46 -16.59 1.57 19.06
C SER B 46 -16.32 0.43 18.09
N ARG B 47 -17.27 0.18 17.19
CA ARG B 47 -17.15 -0.89 16.21
C ARG B 47 -16.67 -0.42 14.83
N ARG B 48 -16.18 0.82 14.74
CA ARG B 48 -15.69 1.33 13.46
C ARG B 48 -14.21 1.71 13.51
N LEU B 49 -13.56 1.62 12.35
CA LEU B 49 -12.15 1.94 12.22
C LEU B 49 -11.94 3.43 11.95
N TYR B 50 -11.22 4.09 12.84
CA TYR B 50 -11.00 5.52 12.70
C TYR B 50 -9.64 5.86 12.11
N ILE B 51 -9.66 6.53 10.96
CA ILE B 51 -8.44 6.90 10.28
C ILE B 51 -8.06 8.31 10.64
N LEU B 52 -7.03 8.44 11.44
CA LEU B 52 -6.60 9.75 11.90
C LEU B 52 -5.92 10.50 10.78
N PHE B 53 -6.40 11.70 10.51
CA PHE B 53 -5.87 12.48 9.42
C PHE B 53 -5.59 13.89 9.89
N PRO B 54 -4.38 14.15 10.39
CA PRO B 54 -4.03 15.51 10.81
C PRO B 54 -3.69 16.38 9.61
N LEU B 55 -4.53 17.39 9.40
CA LEU B 55 -4.40 18.28 8.26
C LEU B 55 -3.09 19.05 8.34
N ASP B 56 -2.73 19.53 9.53
CA ASP B 56 -1.40 20.03 9.77
C ASP B 56 -0.51 18.80 9.88
N CYS B 57 0.17 18.47 8.77
CA CYS B 57 1.03 17.29 8.64
C CYS B 57 1.74 16.98 9.94
N GLY B 58 2.23 18.06 10.53
CA GLY B 58 3.12 18.00 11.65
C GLY B 58 4.12 16.86 11.47
N VAL B 59 4.25 16.10 12.56
CA VAL B 59 5.00 14.87 12.74
C VAL B 59 4.50 13.87 11.65
N PRO B 60 3.23 13.39 11.71
CA PRO B 60 2.11 13.50 12.65
C PRO B 60 2.47 12.57 13.80
N ASP B 61 2.25 13.03 15.04
CA ASP B 61 2.86 12.41 16.21
C ASP B 61 2.38 10.99 16.45
N ASN B 62 3.31 10.09 16.78
CA ASN B 62 2.93 8.71 17.05
C ASN B 62 1.86 8.57 18.13
N LEU B 63 0.83 7.76 17.85
CA LEU B 63 -0.29 7.56 18.77
C LEU B 63 0.11 7.10 20.16
N SER B 64 1.14 6.27 20.26
CA SER B 64 1.59 5.78 21.55
C SER B 64 2.08 6.96 22.41
N VAL B 65 2.54 8.01 21.73
CA VAL B 65 3.21 9.12 22.37
C VAL B 65 2.39 10.42 22.26
N VAL B 66 1.49 10.47 21.28
CA VAL B 66 0.77 11.71 20.94
C VAL B 66 -0.01 12.37 22.08
N ASP B 67 -0.65 11.57 22.92
CA ASP B 67 -1.53 12.08 23.98
C ASP B 67 -1.52 11.10 25.15
N PRO B 68 -1.54 11.61 26.39
CA PRO B 68 -1.71 10.73 27.55
C PRO B 68 -3.11 10.13 27.62
N ASN B 69 -4.14 10.93 27.33
CA ASN B 69 -5.52 10.45 27.36
C ASN B 69 -5.77 9.34 26.33
N ILE B 70 -5.08 9.42 25.20
CA ILE B 70 -5.11 8.35 24.22
C ILE B 70 -4.00 7.36 24.58
N ARG B 71 -4.37 6.15 24.94
CA ARG B 71 -3.34 5.15 25.25
C ARG B 71 -3.66 3.77 24.67
N PHE B 72 -2.61 3.12 24.18
CA PHE B 72 -2.72 1.81 23.56
C PHE B 72 -3.16 0.75 24.55
N ARG B 73 -4.23 0.02 24.20
CA ARG B 73 -4.74 -1.05 25.06
C ARG B 73 -4.30 -2.43 24.56
N ASP B 74 -4.76 -2.80 23.36
CA ASP B 74 -4.36 -4.08 22.76
C ASP B 74 -4.65 -4.09 21.26
N MET B 75 -4.10 -5.09 20.58
CA MET B 75 -4.32 -5.25 19.14
C MET B 75 -5.68 -5.89 18.86
N LEU B 76 -6.29 -5.51 17.76
CA LEU B 76 -7.39 -6.31 17.23
C LEU B 76 -6.74 -7.61 16.79
N PRO B 77 -7.53 -8.69 16.60
CA PRO B 77 -6.92 -9.93 16.14
C PRO B 77 -6.31 -9.74 14.74
N GLN B 78 -5.15 -10.34 14.48
CA GLN B 78 -4.43 -10.13 13.22
C GLN B 78 -5.33 -10.45 12.02
N GLN B 79 -5.17 -9.69 10.93
CA GLN B 79 -5.92 -9.97 9.71
C GLN B 79 -5.03 -10.57 8.61
N ASN B 80 -5.48 -11.69 8.04
CA ASN B 80 -4.73 -12.36 6.97
C ASN B 80 -5.25 -12.03 5.57
N ILE B 81 -4.35 -11.60 4.68
CA ILE B 81 -4.72 -11.23 3.32
C ILE B 81 -4.00 -12.09 2.27
N ASP B 82 -4.73 -12.52 1.24
CA ASP B 82 -4.14 -13.28 0.12
C ASP B 82 -4.82 -12.89 -1.20
N ARG B 83 -5.78 -11.97 -1.13
CA ARG B 83 -6.55 -11.53 -2.31
C ARG B 83 -5.76 -10.62 -3.24
N ALA B 84 -6.22 -10.56 -4.49
CA ALA B 84 -5.71 -9.60 -5.47
C ALA B 84 -4.23 -9.84 -5.79
N GLY B 85 -3.45 -8.75 -5.85
CA GLY B 85 -2.03 -8.85 -6.12
C GLY B 85 -1.24 -9.13 -4.87
N ILE B 86 -1.86 -8.84 -3.74
CA ILE B 86 -1.29 -9.11 -2.43
C ILE B 86 -1.47 -10.57 -2.10
N LYS B 87 -0.42 -11.21 -1.64
CA LYS B 87 -0.54 -12.57 -1.15
C LYS B 87 0.23 -12.81 0.13
N ASN B 88 -0.38 -13.56 1.04
CA ASN B 88 0.27 -13.96 2.28
C ASN B 88 0.66 -12.79 3.18
N ARG B 89 -0.24 -11.82 3.32
CA ARG B 89 0.01 -10.65 4.18
C ARG B 89 -0.82 -10.69 5.46
N VAL B 90 -0.26 -10.14 6.52
CA VAL B 90 -0.98 -10.00 7.78
C VAL B 90 -1.08 -8.54 8.17
N TYR B 91 -2.29 -8.08 8.51
CA TYR B 91 -2.50 -6.68 8.89
C TYR B 91 -2.90 -6.52 10.35
N SER B 92 -2.35 -5.50 11.00
CA SER B 92 -2.58 -5.27 12.42
C SER B 92 -3.26 -3.93 12.66
N ASN B 93 -4.20 -3.91 13.60
CA ASN B 93 -4.92 -2.69 13.99
C ASN B 93 -4.90 -2.54 15.50
N SER B 94 -4.88 -1.30 15.99
CA SER B 94 -4.72 -1.08 17.43
C SER B 94 -5.88 -0.40 18.11
N VAL B 95 -6.21 -0.89 19.32
CA VAL B 95 -7.31 -0.33 20.09
C VAL B 95 -6.77 0.62 21.17
N TYR B 96 -7.28 1.84 21.16
CA TYR B 96 -6.83 2.84 22.13
C TYR B 96 -7.99 3.27 23.00
N GLU B 97 -7.80 3.24 24.32
CA GLU B 97 -8.82 3.80 25.19
C GLU B 97 -8.53 5.29 25.38
N ILE B 98 -9.57 6.09 25.24
CA ILE B 98 -9.45 7.55 25.23
C ILE B 98 -9.93 8.13 26.57
N LEU B 99 -8.97 8.60 27.37
CA LEU B 99 -9.30 9.13 28.68
C LEU B 99 -9.98 10.51 28.59
N GLU B 100 -10.92 10.72 29.50
CA GLU B 100 -11.53 12.03 29.71
C GLU B 100 -11.54 12.30 31.20
N ASN B 101 -11.13 13.50 31.60
CA ASN B 101 -11.00 13.85 33.02
C ASN B 101 -10.11 12.83 33.74
N GLY B 102 -9.11 12.31 33.03
CA GLY B 102 -8.24 11.27 33.57
C GLY B 102 -9.00 9.97 33.80
N GLN B 103 -10.02 9.73 32.99
CA GLN B 103 -10.91 8.58 33.14
C GLN B 103 -11.35 8.14 31.74
N PRO B 104 -11.49 6.83 31.50
CA PRO B 104 -11.78 6.40 30.12
C PRO B 104 -13.20 6.70 29.66
N ALA B 105 -13.37 7.67 28.76
CA ALA B 105 -14.67 7.96 28.20
C ALA B 105 -15.08 6.93 27.15
N GLY B 106 -14.11 6.43 26.39
CA GLY B 106 -14.40 5.43 25.38
C GLY B 106 -13.18 4.68 24.88
N VAL B 107 -13.42 3.74 23.97
CA VAL B 107 -12.37 2.91 23.41
C VAL B 107 -12.67 2.70 21.92
N CYS B 108 -11.63 2.55 21.11
CA CYS B 108 -11.83 2.43 19.67
C CYS B 108 -10.57 1.98 18.92
N ILE B 109 -10.74 1.70 17.64
CA ILE B 109 -9.61 1.35 16.79
C ILE B 109 -9.12 2.58 16.06
N LEU B 110 -7.84 2.87 16.21
CA LEU B 110 -7.29 4.16 15.83
C LEU B 110 -5.99 4.02 15.03
N GLU B 111 -5.91 4.72 13.91
CA GLU B 111 -4.66 4.80 13.17
C GLU B 111 -4.60 6.02 12.26
N TYR B 112 -3.38 6.53 12.07
CA TYR B 112 -3.15 7.61 11.11
C TYR B 112 -3.27 7.11 9.69
N ALA B 113 -3.70 8.01 8.80
CA ALA B 113 -3.74 7.73 7.38
C ALA B 113 -2.32 7.72 6.80
N THR B 114 -1.87 6.56 6.33
CA THR B 114 -0.54 6.44 5.74
C THR B 114 -0.21 7.36 4.55
N PRO B 115 -1.18 7.68 3.68
CA PRO B 115 -0.81 8.53 2.55
C PRO B 115 -0.26 9.90 2.93
N LEU B 116 -0.45 10.31 4.18
CA LEU B 116 0.11 11.58 4.65
C LEU B 116 1.62 11.59 4.50
N GLN B 117 2.24 10.44 4.72
CA GLN B 117 3.68 10.31 4.65
C GLN B 117 4.16 10.51 3.22
N THR B 118 3.39 10.00 2.27
CA THR B 118 3.74 10.13 0.87
C THR B 118 3.58 11.58 0.43
N LEU B 119 2.53 12.22 0.91
CA LEU B 119 2.29 13.63 0.64
C LEU B 119 3.44 14.51 1.16
N PHE B 120 3.94 14.18 2.34
CA PHE B 120 5.05 14.93 2.89
C PHE B 120 6.31 14.70 2.09
N ALA B 121 6.56 13.44 1.74
CA ALA B 121 7.76 13.09 0.98
C ALA B 121 7.76 13.77 -0.39
N MET B 122 6.62 13.73 -1.06
CA MET B 122 6.47 14.40 -2.34
C MET B 122 6.84 15.88 -2.29
N SER B 123 6.48 16.54 -1.19
CA SER B 123 6.78 17.96 -1.04
C SER B 123 8.30 18.24 -1.04
N GLN B 124 9.05 17.35 -0.40
CA GLN B 124 10.49 17.52 -0.22
C GLN B 124 11.33 17.38 -1.50
N ASP B 125 10.85 16.59 -2.45
CA ASP B 125 11.59 16.39 -3.70
C ASP B 125 11.79 17.71 -4.42
N ALA B 126 13.03 17.99 -4.81
CA ALA B 126 13.35 19.28 -5.38
C ALA B 126 12.58 19.53 -6.69
N LYS B 127 12.60 18.54 -7.59
CA LYS B 127 11.86 18.65 -8.85
C LYS B 127 10.36 18.41 -8.63
N ALA B 128 9.55 19.40 -9.02
CA ALA B 128 8.09 19.37 -8.83
C ALA B 128 7.62 19.30 -7.36
N GLY B 129 8.56 19.44 -6.43
CA GLY B 129 8.22 19.51 -5.03
C GLY B 129 7.47 20.80 -4.74
N PHE B 130 6.63 20.77 -3.72
CA PHE B 130 5.70 21.87 -3.51
C PHE B 130 5.59 22.43 -2.09
N SER B 131 5.01 23.62 -1.97
CA SER B 131 4.83 24.29 -0.69
C SER B 131 3.86 23.54 0.21
N ARG B 132 3.80 23.94 1.49
CA ARG B 132 2.84 23.36 2.41
C ARG B 132 1.42 23.68 1.93
N GLU B 133 1.25 24.88 1.40
CA GLU B 133 -0.05 25.33 0.92
C GLU B 133 -0.57 24.45 -0.21
N ASP B 134 0.33 24.09 -1.12
CA ASP B 134 -0.01 23.15 -2.18
C ASP B 134 -0.23 21.76 -1.58
N ARG B 135 0.65 21.37 -0.65
CA ARG B 135 0.52 20.11 0.08
C ARG B 135 -0.80 20.05 0.85
N LEU B 136 -1.17 21.18 1.46
CA LEU B 136 -2.41 21.26 2.22
C LEU B 136 -3.61 20.98 1.34
N GLU B 137 -3.68 21.64 0.19
CA GLU B 137 -4.78 21.47 -0.75
C GLU B 137 -4.96 20.02 -1.14
N GLN B 138 -3.83 19.33 -1.32
CA GLN B 138 -3.86 17.93 -1.73
C GLN B 138 -4.33 17.02 -0.60
N ALA B 139 -3.79 17.25 0.59
CA ALA B 139 -4.23 16.53 1.77
C ALA B 139 -5.74 16.69 1.94
N LYS B 140 -6.23 17.92 1.78
CA LYS B 140 -7.66 18.16 1.76
C LYS B 140 -8.35 17.40 0.63
N LEU B 141 -7.84 17.59 -0.58
CA LEU B 141 -8.47 17.01 -1.76
C LEU B 141 -8.46 15.49 -1.63
N PHE B 142 -7.46 14.97 -0.95
CA PHE B 142 -7.40 13.56 -0.65
C PHE B 142 -8.57 13.12 0.24
N CYS B 143 -8.96 13.96 1.21
CA CYS B 143 -10.05 13.65 2.14
C CYS B 143 -11.39 13.54 1.43
N ARG B 144 -11.73 14.58 0.69
CA ARG B 144 -13.00 14.65 -0.01
C ARG B 144 -13.07 13.54 -1.02
N THR B 145 -11.98 13.37 -1.77
CA THR B 145 -11.93 12.33 -2.79
C THR B 145 -12.19 10.96 -2.18
N LEU B 146 -11.46 10.63 -1.11
CA LEU B 146 -11.71 9.40 -0.37
C LEU B 146 -13.17 9.39 0.02
N GLU B 147 -13.59 10.40 0.79
CA GLU B 147 -14.99 10.55 1.24
C GLU B 147 -16.06 10.14 0.22
N GLU B 148 -15.94 10.60 -1.02
CA GLU B 148 -16.91 10.26 -2.05
C GLU B 148 -16.92 8.76 -2.30
N ILE B 149 -15.72 8.19 -2.37
CA ILE B 149 -15.56 6.77 -2.68
C ILE B 149 -16.25 5.85 -1.68
N LEU B 150 -16.06 6.08 -0.38
CA LEU B 150 -16.62 5.21 0.64
C LEU B 150 -18.15 5.28 0.71
N GLU B 151 -18.70 6.44 0.42
CA GLU B 151 -20.15 6.58 0.33
C GLU B 151 -20.68 5.65 -0.76
N ASP B 152 -19.94 5.56 -1.86
CA ASP B 152 -20.32 4.69 -2.99
C ASP B 152 -20.30 3.22 -2.63
N VAL B 153 -19.69 2.90 -1.49
CA VAL B 153 -19.70 1.54 -0.96
C VAL B 153 -20.23 1.56 0.48
N PRO B 154 -21.56 1.57 0.64
CA PRO B 154 -22.17 1.37 1.96
C PRO B 154 -21.67 0.09 2.62
N GLU B 155 -21.43 -0.95 1.82
CA GLU B 155 -20.98 -2.27 2.29
C GLU B 155 -19.93 -2.20 3.41
N ARG B 157 -18.19 1.51 4.43
CA ARG B 157 -18.60 2.78 5.02
C ARG B 157 -18.89 2.66 6.52
N ASN B 158 -19.99 2.01 6.87
CA ASN B 158 -20.38 1.89 8.28
C ASN B 158 -19.36 1.12 9.12
N ASN B 159 -18.26 0.73 8.47
CA ASN B 159 -17.15 0.06 9.13
C ASN B 159 -16.02 1.06 9.42
N CYS B 160 -16.02 2.20 8.75
CA CYS B 160 -14.95 3.19 8.99
C CYS B 160 -15.35 4.66 8.81
N ARG B 161 -14.69 5.53 9.56
CA ARG B 161 -14.89 6.97 9.41
C ARG B 161 -13.58 7.74 9.51
N LEU B 162 -13.63 9.00 9.09
CA LEU B 162 -12.45 9.84 9.06
C LEU B 162 -12.49 10.87 10.19
N ILE B 163 -11.38 11.03 10.88
CA ILE B 163 -11.23 12.15 11.81
C ILE B 163 -10.15 13.07 11.25
N VAL B 164 -10.59 14.21 10.72
CA VAL B 164 -9.68 15.19 10.15
C VAL B 164 -9.77 16.48 10.95
N TYR B 165 -8.61 17.07 11.23
CA TYR B 165 -8.51 18.14 12.20
C TYR B 165 -7.20 18.90 12.03
N GLN B 166 -7.27 20.23 12.12
CA GLN B 166 -6.07 21.07 12.11
C GLN B 166 -5.76 21.43 13.55
N GLU B 167 -4.56 21.95 13.79
CA GLU B 167 -4.11 22.30 15.13
C GLU B 167 -4.79 23.59 15.60
N PRO B 168 -4.81 23.85 16.93
CA PRO B 168 -5.61 24.95 17.44
C PRO B 168 -5.21 26.29 16.83
N THR B 169 -6.17 26.96 16.20
CA THR B 169 -5.94 28.23 15.54
C THR B 169 -5.33 29.25 16.48
N PHE B 174 -6.26 22.47 22.59
CA PHE B 174 -6.72 21.47 21.63
C PHE B 174 -6.21 20.10 22.04
N SER B 175 -7.09 19.11 21.98
CA SER B 175 -6.69 17.74 22.24
C SER B 175 -7.33 16.76 21.28
N LEU B 176 -6.56 15.74 20.96
CA LEU B 176 -6.98 14.70 20.04
C LEU B 176 -8.06 13.86 20.70
N SER B 177 -7.79 13.47 21.94
CA SER B 177 -8.72 12.70 22.72
C SER B 177 -10.11 13.34 22.68
N GLN B 178 -10.16 14.63 22.99
CA GLN B 178 -11.41 15.39 22.92
C GLN B 178 -11.94 15.50 21.49
N GLU B 179 -11.06 15.41 20.50
CA GLU B 179 -11.49 15.44 19.12
C GLU B 179 -12.04 14.08 18.67
N VAL B 180 -11.32 13.02 19.01
CA VAL B 180 -11.82 11.67 18.75
C VAL B 180 -13.16 11.48 19.45
N LEU B 181 -13.19 11.80 20.74
CA LEU B 181 -14.39 11.61 21.56
C LEU B 181 -15.60 12.31 20.99
N ARG B 182 -15.39 13.51 20.46
CA ARG B 182 -16.42 14.28 19.78
C ARG B 182 -17.06 13.41 18.71
N HIS B 183 -16.22 12.82 17.86
CA HIS B 183 -16.70 11.93 16.80
C HIS B 183 -17.38 10.66 17.33
N ILE B 184 -16.74 9.91 18.23
CA ILE B 184 -17.35 8.71 18.78
C ILE B 184 -18.65 9.04 19.53
N ARG B 185 -18.69 10.18 20.24
CA ARG B 185 -19.92 10.60 20.90
C ARG B 185 -20.99 11.01 19.89
N GLN B 186 -20.60 11.76 18.86
CA GLN B 186 -21.57 12.32 17.92
C GLN B 186 -22.45 11.27 17.28
N GLU B 187 -21.85 10.17 16.82
CA GLU B 187 -22.61 9.17 16.07
C GLU B 187 -23.56 8.37 16.98
N GLU B 188 -24.67 9.00 17.36
CA GLU B 188 -25.66 8.36 18.24
C GLU B 188 -26.29 7.12 17.60
N LYS B 189 -26.62 7.23 16.32
CA LYS B 189 -27.21 6.12 15.59
C LYS B 189 -26.47 5.85 14.29
#